data_4NYD
#
_entry.id   4NYD
#
_cell.length_a   65.436
_cell.length_b   65.436
_cell.length_c   101.110
_cell.angle_alpha   90.00
_cell.angle_beta   90.00
_cell.angle_gamma   120.00
#
_symmetry.space_group_name_H-M   'P 32 1 2'
#
loop_
_entity.id
_entity.type
_entity.pdbx_description
1 polymer 'thiM TPP riboswitch'
2 non-polymer HYPOXANTHINE
3 non-polymer 'MANGANESE (II) ION'
4 non-polymer 'MAGNESIUM ION'
5 water water
#
_entity_poly.entity_id   1
_entity_poly.type   'polyribonucleotide'
_entity_poly.pdbx_seq_one_letter_code
;GCGACUCGGGGUGCCCUUCUGCGUGAAGGCUGAGAAAUACCCGUAUCACCUGAUCUGGAUAAUGCCAGCGUAGGGAAGUC
GC(A23)
;
_entity_poly.pdbx_strand_id   A
#
loop_
_chem_comp.id
_chem_comp.type
_chem_comp.name
_chem_comp.formula
A RNA linking ADENOSINE-5'-MONOPHOSPHATE 'C10 H14 N5 O7 P'
A23 RNA linking 'ADENOSINE-5'-PHOSPHATE-2',3'-CYCLIC PHOSPHATE' 'C10 H13 N5 O9 P2'
C RNA linking CYTIDINE-5'-MONOPHOSPHATE 'C9 H14 N3 O8 P'
G RNA linking GUANOSINE-5'-MONOPHOSPHATE 'C10 H14 N5 O8 P'
HPA non-polymer HYPOXANTHINE 'C5 H4 N4 O'
MG non-polymer 'MAGNESIUM ION' 'Mg 2'
MN non-polymer 'MANGANESE (II) ION' 'Mn 2'
U RNA linking URIDINE-5'-MONOPHOSPHATE 'C9 H13 N2 O9 P'
#
# COMPACT_ATOMS: atom_id res chain seq x y z
PC A23 A 83 19.51 -3.81 6.68
O1C A23 A 83 20.11 -4.52 5.53
O2C A23 A 83 20.34 -3.61 7.89
P A23 A 83 14.69 -2.73 3.83
OP1 A23 A 83 14.81 -4.06 4.49
OP2 A23 A 83 15.52 -2.43 2.64
O5' A23 A 83 14.88 -1.58 4.92
C5' A23 A 83 16.02 -0.70 4.95
C4' A23 A 83 17.03 -1.18 5.96
O4' A23 A 83 16.57 -1.17 7.32
C3' A23 A 83 17.59 -2.55 5.67
O3' A23 A 83 18.96 -2.40 6.13
C2' A23 A 83 17.01 -3.47 6.76
O2' A23 A 83 18.07 -4.41 7.11
C1' A23 A 83 16.47 -2.49 7.82
N9 A23 A 83 15.13 -2.58 8.41
C8 A23 A 83 13.91 -2.69 7.80
N7 A23 A 83 12.91 -2.40 8.60
C5 A23 A 83 13.50 -2.14 9.82
C6 A23 A 83 12.99 -1.74 11.07
N6 A23 A 83 11.71 -1.49 11.29
N1 A23 A 83 13.87 -1.60 12.09
C2 A23 A 83 15.16 -1.82 11.86
N3 A23 A 83 15.77 -2.19 10.73
C4 A23 A 83 14.88 -2.33 9.74
N1 HPA B . -22.17 2.20 -9.98
C2 HPA B . -22.44 1.60 -8.84
N3 HPA B . -22.44 2.35 -7.66
C4 HPA B . -22.15 3.66 -7.70
C5 HPA B . -21.87 4.26 -8.86
C6 HPA B . -21.89 3.56 -10.00
O6 HPA B . -21.66 4.12 -11.08
N7 HPA B . -21.54 5.52 -8.60
C8 HPA B . -21.62 5.71 -7.30
N9 HPA B . -22.01 4.56 -6.74
MN MN C . -31.81 5.31 -27.63
MG MG D . -32.74 2.36 0.54
MG MG E . -38.42 -12.21 -13.83
MG MG F . -14.21 15.00 -4.67
MG MG G . -8.41 13.46 0.07
MG MG H . -15.93 -1.14 -11.39
MN MN I . -8.25 8.76 -24.04
MG MG J . 14.79 -6.39 5.51
MN MN K . -23.76 -6.41 -4.49
MN MN L . -18.89 5.81 -22.42
#